data_2WU7
#
_entry.id   2WU7
#
_cell.length_a   87.870
_cell.length_b   62.200
_cell.length_c   75.370
_cell.angle_alpha   90.00
_cell.angle_beta   97.97
_cell.angle_gamma   90.00
#
_symmetry.space_group_name_H-M   'C 1 2 1'
#
loop_
_entity.id
_entity.type
_entity.pdbx_description
1 polymer 'DUAL SPECIFICITY PROTEIN KINASE CLK3'
2 non-polymer 'ethyl 3-[(E)-2-amino-1-cyanoethenyl]-6,7-dichloro-1-methyl-1H-indole-2-carboxylate'
3 non-polymer 'SULFATE ION'
4 non-polymer 'CHLORIDE ION'
5 water water
#
_entity_poly.entity_id   1
_entity_poly.type   'polypeptide(L)'
_entity_poly.pdbx_seq_one_letter_code
;MHHHHHHSSGVDLGTENLYFQSMQSSKRSSRSVEDDKEGHLVCRIGDWLQERYEIVGNLGEGTFGKVVECLDHARGKSQV
ALKIIRNVGKYREAARLEINVLKKIKEKDKENKFLCVLMSDWFNFHGHMCIAFELLGKNTFEFLKENNFQPYPLPHVRHM
AYQLCHALRFLHENQLTHTDLKPENILFVNSEFETLYNEHKSCEEKSVKNTSIRVADFGSATFDHEHHTTIVATRHYRPP
EVILELGWAQPCDVWSIGCILFEYYRGFTLFQTHENREHLVMMEKILGPIPSHMIHRTRKQKYFYKGGLVWDENSSDGRY
VKENCKPLKSYMLQDSLEHVQLFDLMRRMLEFDPAQRITLAEALLHPFFAGLTPEERSFHT
;
_entity_poly.pdbx_strand_id   A
#
loop_
_chem_comp.id
_chem_comp.type
_chem_comp.name
_chem_comp.formula
CL non-polymer 'CHLORIDE ION' 'Cl -1'
SO4 non-polymer 'SULFATE ION' 'O4 S -2'
V25 non-polymer 'ethyl 3-[(E)-2-amino-1-cyanoethenyl]-6,7-dichloro-1-methyl-1H-indole-2-carboxylate' 'C15 H13 Cl2 N3 O2'
#
# COMPACT_ATOMS: atom_id res chain seq x y z
N SER A 32 0.07 2.64 -37.54
CA SER A 32 -0.34 1.40 -36.86
C SER A 32 -0.27 1.41 -35.31
N VAL A 33 0.81 1.96 -34.70
CA VAL A 33 0.92 2.04 -33.25
C VAL A 33 0.75 3.52 -32.82
N GLU A 34 -0.30 3.81 -32.02
CA GLU A 34 -0.64 5.17 -31.62
C GLU A 34 -0.53 5.45 -30.12
N ASP A 35 0.00 6.64 -29.79
CA ASP A 35 0.11 7.19 -28.45
C ASP A 35 -0.71 8.47 -28.35
N ASP A 36 -1.30 8.73 -27.16
CA ASP A 36 -2.05 9.95 -26.93
C ASP A 36 -1.06 11.08 -26.50
N LYS A 37 -1.56 12.31 -26.22
CA LYS A 37 -0.73 13.46 -25.83
C LYS A 37 0.18 13.20 -24.62
N GLU A 38 -0.27 12.36 -23.67
CA GLU A 38 0.44 12.00 -22.43
C GLU A 38 1.35 10.78 -22.54
N GLY A 39 1.44 10.21 -23.73
CA GLY A 39 2.29 9.06 -23.97
C GLY A 39 1.65 7.73 -23.64
N HIS A 40 0.31 7.71 -23.44
CA HIS A 40 -0.41 6.46 -23.18
C HIS A 40 -0.56 5.74 -24.50
N LEU A 41 -0.42 4.42 -24.48
CA LEU A 41 -0.62 3.62 -25.67
C LEU A 41 -2.11 3.55 -25.89
N VAL A 42 -2.56 3.91 -27.13
CA VAL A 42 -3.95 3.80 -27.52
C VAL A 42 -4.15 2.31 -27.79
N CYS A 43 -4.88 1.64 -26.91
CA CYS A 43 -5.21 0.21 -27.03
C CYS A 43 -6.52 -0.04 -26.33
N ARG A 44 -7.32 -0.96 -26.89
CA ARG A 44 -8.66 -1.31 -26.38
C ARG A 44 -8.86 -2.81 -26.49
N ILE A 45 -10.00 -3.32 -25.97
CA ILE A 45 -10.37 -4.73 -26.03
C ILE A 45 -10.39 -5.18 -27.48
N GLY A 46 -9.76 -6.32 -27.75
CA GLY A 46 -9.65 -6.85 -29.09
C GLY A 46 -8.34 -6.50 -29.76
N ASP A 47 -7.52 -5.67 -29.08
CA ASP A 47 -6.19 -5.31 -29.57
C ASP A 47 -5.19 -6.36 -29.09
N TRP A 48 -4.07 -6.46 -29.82
CA TRP A 48 -3.04 -7.44 -29.52
C TRP A 48 -1.69 -6.78 -29.37
N LEU A 49 -0.80 -7.41 -28.59
CA LEU A 49 0.59 -6.95 -28.41
C LEU A 49 1.46 -8.14 -28.65
N GLN A 50 2.51 -7.96 -29.49
CA GLN A 50 3.48 -8.97 -29.90
C GLN A 50 2.82 -10.19 -30.57
N GLU A 51 1.62 -10.02 -31.17
CA GLU A 51 0.83 -11.08 -31.83
C GLU A 51 0.64 -12.28 -30.88
N ARG A 52 0.65 -12.01 -29.56
CA ARG A 52 0.63 -13.00 -28.50
C ARG A 52 -0.41 -12.66 -27.43
N TYR A 53 -0.34 -11.46 -26.88
CA TYR A 53 -1.27 -11.00 -25.85
C TYR A 53 -2.49 -10.35 -26.49
N GLU A 54 -3.68 -10.80 -26.13
CA GLU A 54 -4.92 -10.25 -26.65
C GLU A 54 -5.63 -9.55 -25.51
N ILE A 55 -5.93 -8.22 -25.65
CA ILE A 55 -6.62 -7.46 -24.61
C ILE A 55 -8.11 -7.84 -24.55
N VAL A 56 -8.56 -8.33 -23.40
CA VAL A 56 -9.95 -8.75 -23.13
C VAL A 56 -10.70 -7.87 -22.12
N GLY A 57 -9.99 -6.99 -21.41
CA GLY A 57 -10.58 -6.09 -20.43
C GLY A 57 -9.58 -5.15 -19.78
N ASN A 58 -10.12 -4.14 -19.06
N ASN A 58 -10.08 -4.08 -19.09
CA ASN A 58 -9.39 -3.11 -18.34
CA ASN A 58 -9.25 -3.08 -18.38
C ASN A 58 -9.47 -3.37 -16.83
C ASN A 58 -9.43 -3.27 -16.88
N LEU A 59 -8.32 -3.45 -16.15
CA LEU A 59 -8.27 -3.72 -14.70
C LEU A 59 -7.93 -2.53 -13.81
N GLY A 60 -7.31 -1.50 -14.37
CA GLY A 60 -6.94 -0.32 -13.60
C GLY A 60 -6.02 0.64 -14.33
N GLU A 61 -5.78 1.79 -13.71
CA GLU A 61 -4.96 2.88 -14.23
C GLU A 61 -4.30 3.64 -13.10
N GLY A 62 -3.13 4.16 -13.42
CA GLY A 62 -2.34 5.00 -12.53
C GLY A 62 -1.58 6.03 -13.33
N THR A 63 -0.70 6.73 -12.65
CA THR A 63 0.15 7.72 -13.30
C THR A 63 1.09 7.07 -14.33
N PHE A 64 1.51 5.81 -14.07
CA PHE A 64 2.40 5.03 -14.92
C PHE A 64 1.81 4.66 -16.28
N GLY A 65 0.48 4.66 -16.37
CA GLY A 65 -0.25 4.18 -17.54
C GLY A 65 -1.41 3.30 -17.13
N LYS A 66 -1.53 2.13 -17.76
CA LYS A 66 -2.67 1.24 -17.64
C LYS A 66 -2.33 -0.24 -17.34
N VAL A 67 -3.31 -0.96 -16.75
CA VAL A 67 -3.18 -2.39 -16.49
C VAL A 67 -4.40 -3.02 -17.17
N VAL A 68 -4.15 -3.96 -18.11
CA VAL A 68 -5.18 -4.65 -18.88
C VAL A 68 -5.15 -6.14 -18.66
N GLU A 69 -6.32 -6.80 -18.83
CA GLU A 69 -6.38 -8.26 -18.76
C GLU A 69 -6.10 -8.79 -20.19
N CYS A 70 -5.22 -9.80 -20.33
CA CYS A 70 -4.87 -10.40 -21.62
C CYS A 70 -5.00 -11.91 -21.56
N LEU A 71 -5.16 -12.52 -22.73
CA LEU A 71 -5.12 -13.95 -22.91
C LEU A 71 -3.78 -14.14 -23.58
N ASP A 72 -2.93 -14.98 -23.01
CA ASP A 72 -1.62 -15.25 -23.58
C ASP A 72 -1.78 -16.38 -24.58
N HIS A 73 -1.77 -16.05 -25.88
CA HIS A 73 -1.92 -17.04 -26.94
C HIS A 73 -0.74 -18.02 -27.10
N ALA A 74 0.40 -17.75 -26.44
CA ALA A 74 1.55 -18.65 -26.47
C ALA A 74 1.51 -19.59 -25.23
N ARG A 75 0.53 -19.38 -24.33
CA ARG A 75 0.33 -20.13 -23.10
C ARG A 75 -1.12 -20.65 -22.94
N GLY A 76 -1.66 -21.24 -24.00
CA GLY A 76 -3.01 -21.80 -23.99
C GLY A 76 -4.11 -20.83 -23.61
N LYS A 77 -3.94 -19.53 -23.93
CA LYS A 77 -4.89 -18.46 -23.62
C LYS A 77 -4.94 -18.20 -22.11
N SER A 78 -3.82 -18.33 -21.44
CA SER A 78 -3.65 -18.09 -20.01
C SER A 78 -4.09 -16.64 -19.73
N GLN A 79 -4.90 -16.44 -18.72
CA GLN A 79 -5.35 -15.09 -18.37
C GLN A 79 -4.22 -14.40 -17.63
N VAL A 80 -3.81 -13.19 -18.09
CA VAL A 80 -2.72 -12.45 -17.42
C VAL A 80 -3.11 -11.00 -17.20
N ALA A 81 -2.39 -10.31 -16.29
CA ALA A 81 -2.55 -8.87 -16.12
C ALA A 81 -1.30 -8.27 -16.79
N LEU A 82 -1.50 -7.36 -17.75
CA LEU A 82 -0.39 -6.70 -18.46
C LEU A 82 -0.41 -5.19 -18.10
N LYS A 83 0.64 -4.74 -17.39
CA LYS A 83 0.89 -3.37 -16.99
C LYS A 83 1.61 -2.72 -18.19
N ILE A 84 0.91 -1.80 -18.86
CA ILE A 84 1.47 -1.12 -20.04
C ILE A 84 1.87 0.26 -19.60
N ILE A 85 3.17 0.54 -19.61
CA ILE A 85 3.69 1.81 -19.13
C ILE A 85 3.74 2.90 -20.22
N ARG A 86 3.54 4.18 -19.80
CA ARG A 86 3.55 5.34 -20.69
C ARG A 86 4.89 5.48 -21.40
N ASN A 87 4.84 5.90 -22.67
CA ASN A 87 6.01 6.13 -23.49
C ASN A 87 6.61 7.50 -23.12
N VAL A 88 7.00 7.65 -21.85
CA VAL A 88 7.62 8.83 -21.28
C VAL A 88 8.88 8.33 -20.55
N GLY A 89 10.00 9.05 -20.74
CA GLY A 89 11.30 8.74 -20.15
C GLY A 89 11.30 8.38 -18.68
N LYS A 90 10.63 9.20 -17.83
CA LYS A 90 10.57 8.96 -16.37
C LYS A 90 9.87 7.64 -16.02
N TYR A 91 8.75 7.33 -16.71
CA TYR A 91 7.98 6.14 -16.46
C TYR A 91 8.67 4.89 -16.97
N ARG A 92 9.29 4.95 -18.17
CA ARG A 92 10.06 3.87 -18.78
C ARG A 92 11.23 3.49 -17.86
N GLU A 93 11.92 4.49 -17.28
CA GLU A 93 13.02 4.23 -16.36
C GLU A 93 12.53 3.62 -15.04
N ALA A 94 11.40 4.13 -14.52
CA ALA A 94 10.81 3.60 -13.29
C ALA A 94 10.37 2.14 -13.52
N ALA A 95 9.88 1.81 -14.73
CA ALA A 95 9.48 0.42 -15.05
C ALA A 95 10.70 -0.50 -15.21
N ARG A 96 11.78 -0.02 -15.82
CA ARG A 96 13.02 -0.80 -15.92
C ARG A 96 13.54 -1.09 -14.50
N LEU A 97 13.42 -0.12 -13.56
CA LEU A 97 13.80 -0.34 -12.16
C LEU A 97 12.90 -1.42 -11.54
N GLU A 98 11.57 -1.31 -11.69
CA GLU A 98 10.66 -2.34 -11.17
C GLU A 98 10.97 -3.77 -11.69
N ILE A 99 11.18 -3.90 -13.02
CA ILE A 99 11.52 -5.18 -13.65
C ILE A 99 12.73 -5.85 -12.94
N ASN A 100 13.82 -5.05 -12.71
CA ASN A 100 15.04 -5.49 -12.04
C ASN A 100 14.77 -5.96 -10.62
N VAL A 101 13.85 -5.26 -9.91
CA VAL A 101 13.41 -5.63 -8.56
C VAL A 101 12.64 -6.94 -8.57
N LEU A 102 11.68 -7.10 -9.52
CA LEU A 102 10.87 -8.32 -9.62
C LEU A 102 11.73 -9.56 -9.95
N LYS A 103 12.79 -9.37 -10.74
CA LYS A 103 13.73 -10.44 -11.11
C LYS A 103 14.52 -10.89 -9.88
N LYS A 104 15.02 -9.93 -9.06
CA LYS A 104 15.76 -10.23 -7.84
C LYS A 104 14.86 -10.92 -6.83
N ILE A 105 13.58 -10.48 -6.70
CA ILE A 105 12.59 -11.09 -5.81
C ILE A 105 12.36 -12.53 -6.28
N LYS A 106 12.21 -12.75 -7.62
CA LYS A 106 12.02 -14.07 -8.22
C LYS A 106 13.17 -15.02 -7.88
N GLU A 107 14.42 -14.50 -7.86
CA GLU A 107 15.61 -15.27 -7.48
C GLU A 107 15.53 -15.69 -6.01
N LYS A 108 14.97 -14.82 -5.14
CA LYS A 108 14.88 -15.07 -3.69
C LYS A 108 13.70 -15.96 -3.26
N ASP A 109 12.49 -15.71 -3.78
CA ASP A 109 11.29 -16.48 -3.49
C ASP A 109 11.01 -17.42 -4.66
N LYS A 110 11.69 -18.59 -4.67
CA LYS A 110 11.54 -19.62 -5.71
C LYS A 110 10.19 -20.32 -5.57
N GLU A 111 9.82 -20.68 -4.33
CA GLU A 111 8.58 -21.37 -3.96
C GLU A 111 7.32 -20.51 -4.19
N ASN A 112 7.48 -19.17 -4.37
CA ASN A 112 6.44 -18.15 -4.60
C ASN A 112 5.47 -18.06 -3.41
N LYS A 113 6.01 -18.28 -2.19
CA LYS A 113 5.26 -18.27 -0.93
C LYS A 113 5.34 -16.94 -0.17
N PHE A 114 6.06 -15.94 -0.70
CA PHE A 114 6.20 -14.65 -0.02
C PHE A 114 5.30 -13.48 -0.47
N LEU A 115 4.11 -13.82 -0.94
CA LEU A 115 2.99 -12.94 -1.26
C LEU A 115 3.27 -11.69 -2.11
N CYS A 116 4.13 -11.79 -3.10
CA CYS A 116 4.40 -10.67 -3.98
C CYS A 116 3.83 -10.97 -5.37
N VAL A 117 3.38 -9.94 -6.12
CA VAL A 117 2.89 -10.10 -7.51
C VAL A 117 3.93 -10.96 -8.25
N LEU A 118 3.48 -11.93 -9.07
CA LEU A 118 4.36 -12.82 -9.80
C LEU A 118 4.52 -12.44 -11.28
N MET A 119 5.67 -11.75 -11.60
CA MET A 119 6.00 -11.35 -12.96
C MET A 119 6.24 -12.56 -13.84
N SER A 120 5.45 -12.65 -14.90
CA SER A 120 5.45 -13.73 -15.87
C SER A 120 6.34 -13.41 -17.07
N ASP A 121 6.44 -12.12 -17.47
CA ASP A 121 7.17 -11.68 -18.66
C ASP A 121 7.29 -10.17 -18.61
N TRP A 122 8.13 -9.62 -19.48
CA TRP A 122 8.34 -8.19 -19.61
C TRP A 122 8.85 -7.90 -21.00
N PHE A 123 8.53 -6.69 -21.53
CA PHE A 123 8.99 -6.28 -22.86
C PHE A 123 8.85 -4.78 -23.10
N ASN A 124 9.64 -4.29 -24.04
CA ASN A 124 9.57 -2.90 -24.48
C ASN A 124 8.79 -3.01 -25.76
N PHE A 125 7.62 -2.38 -25.79
CA PHE A 125 6.76 -2.38 -26.97
C PHE A 125 6.63 -0.96 -27.46
N HIS A 126 7.45 -0.59 -28.45
CA HIS A 126 7.48 0.72 -29.10
C HIS A 126 7.63 1.91 -28.15
N GLY A 127 8.48 1.75 -27.15
CA GLY A 127 8.75 2.76 -26.13
C GLY A 127 7.96 2.53 -24.86
N HIS A 128 6.96 1.64 -24.92
CA HIS A 128 6.13 1.31 -23.76
C HIS A 128 6.65 0.06 -23.09
N MET A 129 7.08 0.17 -21.83
CA MET A 129 7.51 -1.01 -21.07
C MET A 129 6.23 -1.73 -20.70
N CYS A 130 6.22 -3.06 -20.76
CA CYS A 130 5.05 -3.90 -20.46
C CYS A 130 5.48 -5.03 -19.55
N ILE A 131 4.74 -5.22 -18.46
CA ILE A 131 5.05 -6.25 -17.47
C ILE A 131 3.84 -7.16 -17.31
N ALA A 132 4.00 -8.41 -17.71
CA ALA A 132 2.95 -9.42 -17.59
C ALA A 132 3.04 -10.06 -16.19
N PHE A 133 1.90 -10.19 -15.55
CA PHE A 133 1.77 -10.76 -14.22
C PHE A 133 0.71 -11.84 -14.20
N GLU A 134 0.77 -12.69 -13.17
CA GLU A 134 -0.26 -13.68 -12.94
C GLU A 134 -1.49 -12.89 -12.49
N LEU A 135 -2.62 -13.11 -13.18
CA LEU A 135 -3.86 -12.41 -12.89
C LEU A 135 -4.33 -12.56 -11.43
N LEU A 136 -4.57 -11.43 -10.78
CA LEU A 136 -5.08 -11.35 -9.40
C LEU A 136 -6.39 -10.56 -9.46
N GLY A 137 -7.06 -10.40 -8.32
CA GLY A 137 -8.32 -9.68 -8.22
C GLY A 137 -8.17 -8.19 -7.96
N LYS A 138 -9.26 -7.53 -7.52
CA LYS A 138 -9.25 -6.09 -7.26
C LYS A 138 -8.22 -5.72 -6.19
N ASN A 139 -7.68 -4.49 -6.24
CA ASN A 139 -6.78 -4.02 -5.18
C ASN A 139 -7.68 -3.70 -3.97
N THR A 140 -7.10 -3.69 -2.76
CA THR A 140 -7.87 -3.44 -1.54
C THR A 140 -8.57 -2.08 -1.47
N PHE A 141 -8.09 -1.05 -2.21
CA PHE A 141 -8.78 0.24 -2.22
C PHE A 141 -10.05 0.13 -3.09
N GLU A 142 -9.93 -0.50 -4.28
CA GLU A 142 -11.05 -0.65 -5.20
C GLU A 142 -12.19 -1.48 -4.64
N PHE A 143 -11.88 -2.50 -3.81
CA PHE A 143 -12.91 -3.32 -3.16
C PHE A 143 -13.62 -2.43 -2.14
N LEU A 144 -12.85 -1.61 -1.40
CA LEU A 144 -13.37 -0.68 -0.39
C LEU A 144 -14.26 0.34 -1.07
N LYS A 145 -13.80 0.92 -2.19
CA LYS A 145 -14.55 1.92 -2.94
C LYS A 145 -15.91 1.33 -3.41
N GLU A 146 -15.88 0.09 -3.92
CA GLU A 146 -17.07 -0.62 -4.44
C GLU A 146 -18.01 -1.13 -3.37
N ASN A 147 -17.56 -1.15 -2.10
CA ASN A 147 -18.33 -1.52 -0.92
C ASN A 147 -18.74 -0.22 -0.23
N ASN A 148 -18.70 0.90 -1.00
CA ASN A 148 -19.03 2.25 -0.55
C ASN A 148 -18.27 2.69 0.72
N PHE A 149 -17.00 2.30 0.82
CA PHE A 149 -16.11 2.63 1.95
C PHE A 149 -16.50 1.99 3.28
N GLN A 150 -17.42 1.01 3.23
CA GLN A 150 -17.82 0.23 4.39
C GLN A 150 -16.60 -0.62 4.74
N PRO A 151 -16.10 -0.52 5.99
CA PRO A 151 -14.84 -1.19 6.34
C PRO A 151 -14.83 -2.72 6.29
N TYR A 152 -13.65 -3.29 6.32
CA TYR A 152 -13.51 -4.75 6.36
C TYR A 152 -13.77 -5.18 7.80
N PRO A 153 -14.38 -6.36 8.07
CA PRO A 153 -14.56 -6.77 9.48
C PRO A 153 -13.19 -7.10 10.08
N LEU A 154 -13.09 -6.98 11.42
CA LEU A 154 -11.85 -7.29 12.13
C LEU A 154 -11.17 -8.61 11.65
N PRO A 155 -11.87 -9.78 11.48
CA PRO A 155 -11.17 -10.99 11.00
C PRO A 155 -10.49 -10.85 9.65
N HIS A 156 -11.04 -9.99 8.76
CA HIS A 156 -10.48 -9.73 7.43
C HIS A 156 -9.24 -8.83 7.58
N VAL A 157 -9.32 -7.85 8.50
CA VAL A 157 -8.26 -6.91 8.81
C VAL A 157 -7.09 -7.69 9.44
N ARG A 158 -7.40 -8.66 10.34
CA ARG A 158 -6.39 -9.47 11.02
C ARG A 158 -5.59 -10.33 10.01
N HIS A 159 -6.26 -11.05 9.13
CA HIS A 159 -5.58 -11.90 8.15
C HIS A 159 -4.77 -11.07 7.14
N MET A 160 -5.26 -9.92 6.74
CA MET A 160 -4.52 -9.07 5.79
C MET A 160 -3.25 -8.51 6.46
N ALA A 161 -3.35 -8.10 7.76
CA ALA A 161 -2.23 -7.59 8.56
C ALA A 161 -1.14 -8.65 8.61
N TYR A 162 -1.50 -9.87 9.08
CA TYR A 162 -0.60 -11.02 9.20
C TYR A 162 0.15 -11.30 7.91
N GLN A 163 -0.55 -11.23 6.79
CA GLN A 163 0.04 -11.43 5.47
C GLN A 163 0.93 -10.25 5.07
N LEU A 164 0.50 -8.98 5.40
CA LEU A 164 1.35 -7.83 5.07
C LEU A 164 2.64 -7.93 5.87
N CYS A 165 2.55 -8.20 7.20
CA CYS A 165 3.71 -8.36 8.08
C CYS A 165 4.67 -9.45 7.55
N HIS A 166 4.15 -10.65 7.14
CA HIS A 166 4.89 -11.79 6.57
C HIS A 166 5.55 -11.46 5.23
N ALA A 167 4.80 -10.87 4.29
CA ALA A 167 5.28 -10.49 2.98
C ALA A 167 6.39 -9.45 3.08
N LEU A 168 6.20 -8.45 3.90
CA LEU A 168 7.18 -7.38 4.04
C LEU A 168 8.41 -7.77 4.88
N ARG A 169 8.22 -8.70 5.82
CA ARG A 169 9.32 -9.23 6.64
C ARG A 169 10.33 -9.95 5.69
N PHE A 170 9.82 -10.72 4.69
CA PHE A 170 10.67 -11.42 3.70
C PHE A 170 11.52 -10.44 2.89
N LEU A 171 10.90 -9.41 2.29
CA LEU A 171 11.57 -8.39 1.48
C LEU A 171 12.59 -7.63 2.33
N HIS A 172 12.23 -7.30 3.57
CA HIS A 172 13.12 -6.60 4.51
C HIS A 172 14.33 -7.45 4.84
N GLU A 173 14.13 -8.78 5.04
CA GLU A 173 15.17 -9.79 5.33
C GLU A 173 16.17 -9.89 4.18
N ASN A 174 15.72 -9.49 2.96
CA ASN A 174 16.49 -9.46 1.72
C ASN A 174 17.01 -8.07 1.38
N GLN A 175 17.15 -7.22 2.42
CA GLN A 175 17.72 -5.86 2.33
C GLN A 175 16.99 -4.98 1.32
N LEU A 176 15.64 -5.01 1.33
CA LEU A 176 14.80 -4.25 0.43
C LEU A 176 13.73 -3.53 1.22
N THR A 177 13.33 -2.32 0.76
CA THR A 177 12.29 -1.50 1.34
C THR A 177 11.37 -1.13 0.21
N HIS A 178 10.07 -1.45 0.35
CA HIS A 178 9.03 -1.18 -0.65
C HIS A 178 8.89 0.32 -0.95
N THR A 179 8.60 1.12 0.11
CA THR A 179 8.40 2.59 0.14
C THR A 179 7.04 3.11 -0.32
N ASP A 180 6.27 2.31 -1.03
CA ASP A 180 5.00 2.82 -1.56
C ASP A 180 3.84 1.86 -1.23
N LEU A 181 3.82 1.42 0.03
CA LEU A 181 2.74 0.57 0.48
C LEU A 181 1.52 1.46 0.71
N LYS A 182 0.37 1.03 0.19
CA LYS A 182 -0.92 1.74 0.28
C LYS A 182 -2.00 0.76 -0.14
N PRO A 183 -3.30 0.92 0.28
CA PRO A 183 -4.33 -0.08 -0.11
C PRO A 183 -4.38 -0.38 -1.60
N GLU A 184 -4.23 0.67 -2.43
CA GLU A 184 -4.19 0.56 -3.89
C GLU A 184 -3.12 -0.42 -4.37
N ASN A 185 -2.02 -0.61 -3.59
CA ASN A 185 -0.94 -1.52 -3.97
C ASN A 185 -1.01 -2.94 -3.34
N ILE A 186 -2.16 -3.26 -2.73
CA ILE A 186 -2.38 -4.58 -2.14
C ILE A 186 -3.54 -5.20 -2.88
N LEU A 187 -3.35 -6.42 -3.44
CA LEU A 187 -4.40 -7.06 -4.25
C LEU A 187 -4.90 -8.34 -3.65
N PHE A 188 -6.21 -8.59 -3.79
CA PHE A 188 -6.75 -9.87 -3.38
C PHE A 188 -6.35 -10.88 -4.46
N VAL A 189 -6.00 -12.12 -4.06
CA VAL A 189 -5.74 -13.19 -5.01
C VAL A 189 -7.04 -13.39 -5.81
N ASN A 190 -8.19 -13.34 -5.13
CA ASN A 190 -9.50 -13.44 -5.77
C ASN A 190 -10.44 -12.45 -5.05
N SER A 191 -11.03 -11.50 -5.80
CA SER A 191 -11.93 -10.52 -5.17
C SER A 191 -13.43 -10.84 -5.23
N GLU A 192 -13.80 -12.09 -5.66
CA GLU A 192 -15.20 -12.53 -5.66
C GLU A 192 -15.75 -12.37 -4.22
N PHE A 193 -16.97 -11.90 -4.11
CA PHE A 193 -17.57 -11.59 -2.82
C PHE A 193 -19.01 -12.13 -2.68
N GLU A 194 -19.51 -12.12 -1.44
CA GLU A 194 -20.87 -12.47 -1.07
C GLU A 194 -21.60 -11.17 -0.67
N THR A 195 -22.79 -10.93 -1.23
CA THR A 195 -23.56 -9.75 -0.88
C THR A 195 -24.36 -10.10 0.36
N LEU A 196 -24.08 -9.40 1.45
CA LEU A 196 -24.74 -9.66 2.72
C LEU A 196 -25.49 -8.43 3.16
N TYR A 197 -26.70 -8.63 3.68
CA TYR A 197 -27.46 -7.50 4.15
C TYR A 197 -27.05 -7.19 5.57
N ASN A 198 -26.36 -6.06 5.78
CA ASN A 198 -25.99 -5.63 7.12
C ASN A 198 -27.27 -5.16 7.84
N GLU A 199 -27.74 -5.98 8.81
CA GLU A 199 -28.97 -5.69 9.60
C GLU A 199 -28.87 -4.33 10.29
N HIS A 200 -27.73 -4.04 10.92
CA HIS A 200 -27.49 -2.81 11.68
C HIS A 200 -27.39 -1.52 10.87
N LYS A 201 -27.02 -1.60 9.58
CA LYS A 201 -26.82 -0.41 8.75
C LYS A 201 -27.96 -0.24 7.79
N SER A 202 -28.83 -1.27 7.73
CA SER A 202 -29.97 -1.33 6.85
C SER A 202 -29.58 -1.17 5.34
N CYS A 203 -28.42 -1.72 4.96
CA CYS A 203 -27.93 -1.68 3.57
C CYS A 203 -27.13 -2.95 3.23
N GLU A 204 -26.88 -3.19 1.94
CA GLU A 204 -26.09 -4.36 1.56
C GLU A 204 -24.59 -4.09 1.67
N GLU A 205 -23.81 -5.15 1.90
CA GLU A 205 -22.35 -5.11 2.03
C GLU A 205 -21.75 -6.23 1.23
N LYS A 206 -20.62 -5.95 0.57
CA LYS A 206 -19.85 -6.92 -0.22
C LYS A 206 -18.73 -7.46 0.68
N SER A 207 -18.83 -8.74 1.05
CA SER A 207 -17.90 -9.43 1.91
C SER A 207 -17.02 -10.35 1.06
N VAL A 208 -15.71 -10.04 0.95
CA VAL A 208 -14.75 -10.84 0.18
C VAL A 208 -14.72 -12.29 0.71
N LYS A 209 -14.90 -13.27 -0.20
CA LYS A 209 -14.91 -14.70 0.16
C LYS A 209 -13.54 -15.22 0.58
N ASN A 210 -12.45 -14.70 -0.05
CA ASN A 210 -11.06 -15.10 0.22
C ASN A 210 -10.20 -13.84 0.50
N THR A 211 -9.68 -13.74 1.74
CA THR A 211 -8.84 -12.62 2.18
C THR A 211 -7.33 -12.75 1.82
N SER A 212 -6.94 -13.71 0.95
CA SER A 212 -5.52 -13.85 0.55
C SER A 212 -5.16 -12.63 -0.29
N ILE A 213 -3.98 -12.06 -0.04
CA ILE A 213 -3.53 -10.85 -0.73
C ILE A 213 -2.10 -10.99 -1.29
N ARG A 214 -1.72 -10.00 -2.15
CA ARG A 214 -0.41 -9.88 -2.74
C ARG A 214 0.00 -8.42 -2.74
N VAL A 215 1.29 -8.15 -2.53
CA VAL A 215 1.87 -6.84 -2.58
C VAL A 215 2.27 -6.57 -4.05
N ALA A 216 1.85 -5.41 -4.56
CA ALA A 216 2.11 -4.94 -5.91
C ALA A 216 3.00 -3.68 -5.91
N ASP A 217 3.44 -3.24 -7.12
CA ASP A 217 4.15 -2.01 -7.42
C ASP A 217 5.52 -1.77 -6.76
N PHE A 218 6.54 -2.42 -7.32
CA PHE A 218 7.93 -2.33 -6.88
C PHE A 218 8.75 -1.25 -7.64
N GLY A 219 8.05 -0.34 -8.32
CA GLY A 219 8.65 0.76 -9.05
C GLY A 219 9.50 1.70 -8.21
N SER A 220 9.24 1.79 -6.88
CA SER A 220 9.99 2.61 -5.94
C SER A 220 10.84 1.77 -4.95
N ALA A 221 10.71 0.41 -4.95
CA ALA A 221 11.44 -0.48 -4.04
C ALA A 221 12.97 -0.28 -4.06
N THR A 222 13.58 0.02 -2.89
CA THR A 222 14.99 0.32 -2.78
C THR A 222 15.79 -0.66 -1.92
N PHE A 223 16.95 -1.12 -2.41
CA PHE A 223 17.81 -2.00 -1.64
C PHE A 223 18.59 -1.18 -0.61
N ASP A 224 19.11 -1.82 0.44
CA ASP A 224 19.89 -1.15 1.49
C ASP A 224 21.10 -0.33 0.96
N HIS A 225 21.85 -0.89 -0.02
CA HIS A 225 23.05 -0.28 -0.59
C HIS A 225 22.81 0.70 -1.76
N GLU A 226 21.56 0.84 -2.18
CA GLU A 226 21.22 1.78 -3.26
C GLU A 226 20.97 3.20 -2.72
N HIS A 227 20.93 4.19 -3.65
CA HIS A 227 20.66 5.58 -3.31
C HIS A 227 19.22 5.70 -2.81
N HIS A 228 19.05 6.35 -1.66
CA HIS A 228 17.77 6.57 -0.99
C HIS A 228 17.38 8.00 -1.29
N THR A 229 16.27 8.19 -1.98
CA THR A 229 15.76 9.52 -2.30
C THR A 229 15.40 10.19 -0.95
N THR A 230 15.43 11.52 -0.89
CA THR A 230 15.11 12.22 0.37
C THR A 230 13.64 11.95 0.76
N ILE A 231 12.74 11.99 -0.23
CA ILE A 231 11.29 11.82 -0.04
C ILE A 231 10.82 10.55 -0.70
N VAL A 232 10.10 9.73 0.05
CA VAL A 232 9.48 8.50 -0.46
C VAL A 232 8.03 8.42 0.05
N ALA A 233 7.28 7.43 -0.48
CA ALA A 233 5.92 7.11 -0.08
C ALA A 233 4.92 8.07 -0.58
N THR A 234 3.70 7.58 -0.76
CA THR A 234 2.56 8.40 -1.15
C THR A 234 2.25 9.18 0.13
N ARG A 235 1.94 10.49 0.04
CA ARG A 235 1.71 11.31 1.20
C ARG A 235 0.97 10.72 2.39
N HIS A 236 -0.26 10.23 2.20
CA HIS A 236 -1.06 9.70 3.32
C HIS A 236 -0.37 8.59 4.12
N TYR A 237 0.63 7.94 3.49
CA TYR A 237 1.35 6.76 4.01
C TYR A 237 2.80 7.08 4.26
N ARG A 238 3.12 8.39 4.28
CA ARG A 238 4.48 8.87 4.51
C ARG A 238 4.84 8.95 6.02
N PRO A 239 5.99 8.38 6.46
CA PRO A 239 6.34 8.43 7.88
C PRO A 239 6.95 9.78 8.32
N PRO A 240 6.98 10.11 9.64
CA PRO A 240 7.50 11.44 10.05
C PRO A 240 8.98 11.68 9.74
N GLU A 241 9.84 10.62 9.78
CA GLU A 241 11.25 10.70 9.46
C GLU A 241 11.53 11.11 7.98
N VAL A 242 10.58 10.86 7.07
CA VAL A 242 10.69 11.26 5.65
C VAL A 242 10.29 12.78 5.56
N ILE A 243 9.22 13.19 6.29
CA ILE A 243 8.80 14.61 6.37
C ILE A 243 9.94 15.43 6.97
N LEU A 244 10.54 14.92 8.03
CA LEU A 244 11.62 15.60 8.76
C LEU A 244 13.03 15.39 8.18
N GLU A 245 13.12 14.64 7.07
CA GLU A 245 14.35 14.39 6.33
C GLU A 245 15.47 13.87 7.19
N LEU A 246 15.15 12.85 8.00
CA LEU A 246 16.11 12.20 8.91
C LEU A 246 16.63 10.91 8.30
N GLY A 247 16.38 10.69 7.01
CA GLY A 247 16.75 9.44 6.38
C GLY A 247 15.73 8.36 6.70
N TRP A 248 15.69 7.30 5.92
CA TRP A 248 14.68 6.26 6.14
C TRP A 248 15.22 4.88 5.77
N ALA A 249 14.55 3.81 6.25
CA ALA A 249 14.93 2.44 5.90
C ALA A 249 13.69 1.56 5.93
N GLN A 250 13.83 0.31 6.37
CA GLN A 250 12.74 -0.64 6.52
C GLN A 250 11.58 -0.11 7.39
N PRO A 251 11.80 0.67 8.51
CA PRO A 251 10.65 1.15 9.32
C PRO A 251 9.60 2.01 8.59
N CYS A 252 9.95 2.58 7.42
CA CYS A 252 9.06 3.35 6.53
C CYS A 252 7.84 2.51 6.25
N ASP A 253 8.05 1.23 5.86
CA ASP A 253 7.00 0.26 5.51
C ASP A 253 6.09 -0.10 6.70
N VAL A 254 6.65 -0.12 7.93
CA VAL A 254 5.85 -0.43 9.14
C VAL A 254 4.81 0.69 9.34
N TRP A 255 5.26 1.99 9.22
CA TRP A 255 4.36 3.15 9.33
C TRP A 255 3.26 3.02 8.30
N SER A 256 3.63 2.84 7.02
CA SER A 256 2.68 2.63 5.92
C SER A 256 1.64 1.53 6.26
N ILE A 257 2.06 0.38 6.85
CA ILE A 257 1.12 -0.69 7.23
C ILE A 257 0.11 -0.25 8.31
N GLY A 258 0.58 0.51 9.31
CA GLY A 258 -0.27 1.04 10.38
C GLY A 258 -1.37 1.88 9.79
N CYS A 259 -1.01 2.76 8.81
CA CYS A 259 -1.96 3.63 8.08
C CYS A 259 -3.00 2.80 7.33
N ILE A 260 -2.51 1.75 6.65
CA ILE A 260 -3.33 0.84 5.87
C ILE A 260 -4.32 0.09 6.75
N LEU A 261 -3.85 -0.49 7.88
CA LEU A 261 -4.74 -1.26 8.76
C LEU A 261 -5.88 -0.41 9.28
N PHE A 262 -5.61 0.88 9.58
CA PHE A 262 -6.61 1.82 10.05
C PHE A 262 -7.65 2.05 8.96
N GLU A 263 -7.19 2.26 7.73
CA GLU A 263 -8.05 2.49 6.58
C GLU A 263 -8.96 1.26 6.31
N TYR A 264 -8.42 0.06 6.49
CA TYR A 264 -9.19 -1.18 6.34
C TYR A 264 -10.21 -1.29 7.44
N TYR A 265 -9.86 -0.86 8.65
CA TYR A 265 -10.69 -0.96 9.83
C TYR A 265 -11.83 0.02 9.86
N ARG A 266 -11.57 1.30 9.51
CA ARG A 266 -12.57 2.37 9.51
C ARG A 266 -13.12 2.70 8.11
N GLY A 267 -12.34 2.45 7.07
CA GLY A 267 -12.75 2.70 5.70
C GLY A 267 -12.44 4.08 5.16
N PHE A 268 -11.74 4.89 5.95
CA PHE A 268 -11.29 6.24 5.61
C PHE A 268 -9.80 6.40 5.94
N THR A 269 -9.09 7.28 5.19
CA THR A 269 -7.65 7.43 5.39
C THR A 269 -7.36 8.03 6.77
N LEU A 270 -6.28 7.58 7.44
CA LEU A 270 -5.87 8.12 8.72
C LEU A 270 -5.38 9.61 8.61
N PHE A 271 -4.59 9.91 7.56
CA PHE A 271 -4.03 11.23 7.33
C PHE A 271 -4.45 11.73 5.97
N GLN A 272 -5.63 12.36 5.91
CA GLN A 272 -6.20 12.90 4.68
C GLN A 272 -5.58 14.29 4.43
N THR A 273 -4.28 14.30 4.14
CA THR A 273 -3.59 15.57 3.93
C THR A 273 -2.85 15.66 2.58
N HIS A 274 -2.60 16.89 2.13
CA HIS A 274 -1.89 17.24 0.90
C HIS A 274 -0.69 18.16 1.27
N GLU A 275 -0.40 18.33 2.58
CA GLU A 275 0.60 19.28 3.07
C GLU A 275 1.37 18.79 4.32
N ASN A 276 2.70 19.07 4.37
CA ASN A 276 3.58 18.64 5.48
C ASN A 276 3.21 19.15 6.84
N ARG A 277 3.02 20.48 6.97
CA ARG A 277 2.73 21.12 8.27
C ARG A 277 1.47 20.54 8.86
N GLU A 278 0.38 20.49 8.06
CA GLU A 278 -0.88 19.87 8.47
C GLU A 278 -0.60 18.40 8.80
N HIS A 279 0.18 17.67 7.97
CA HIS A 279 0.47 16.25 8.27
C HIS A 279 0.97 16.04 9.72
N LEU A 280 2.03 16.79 10.11
CA LEU A 280 2.61 16.74 11.44
C LEU A 280 1.61 17.11 12.52
N VAL A 281 0.72 18.06 12.25
CA VAL A 281 -0.28 18.43 13.26
C VAL A 281 -1.22 17.28 13.53
N MET A 282 -1.62 16.55 12.46
CA MET A 282 -2.52 15.39 12.56
C MET A 282 -1.89 14.30 13.39
N MET A 283 -0.63 13.94 13.05
CA MET A 283 0.16 12.94 13.76
C MET A 283 0.18 13.30 15.27
N GLU A 284 0.28 14.59 15.57
CA GLU A 284 0.34 15.02 16.97
C GLU A 284 -0.96 14.82 17.65
N LYS A 285 -2.06 15.24 17.01
CA LYS A 285 -3.40 15.14 17.61
C LYS A 285 -3.83 13.71 17.85
N ILE A 286 -3.49 12.81 16.92
CA ILE A 286 -3.89 11.40 16.92
C ILE A 286 -2.95 10.57 17.76
N LEU A 287 -1.62 10.84 17.71
CA LEU A 287 -0.61 9.98 18.35
C LEU A 287 0.18 10.56 19.50
N GLY A 288 0.13 11.87 19.70
CA GLY A 288 0.84 12.49 20.81
C GLY A 288 1.99 13.35 20.37
N PRO A 289 2.80 13.89 21.30
CA PRO A 289 3.90 14.79 20.89
C PRO A 289 5.00 14.14 20.06
N ILE A 290 5.60 14.91 19.14
CA ILE A 290 6.72 14.45 18.33
C ILE A 290 7.92 14.41 19.29
N PRO A 291 8.65 13.27 19.39
CA PRO A 291 9.82 13.19 20.29
C PRO A 291 10.79 14.34 20.04
N SER A 292 11.19 15.02 21.15
CA SER A 292 12.08 16.17 21.11
C SER A 292 13.41 15.83 20.44
N HIS A 293 13.84 14.57 20.49
CA HIS A 293 15.04 14.10 19.82
C HIS A 293 14.91 14.28 18.27
N MET A 294 13.73 14.00 17.71
CA MET A 294 13.52 14.18 16.26
C MET A 294 13.44 15.66 15.85
N ILE A 295 12.88 16.50 16.72
CA ILE A 295 12.79 17.94 16.54
C ILE A 295 14.22 18.51 16.54
N HIS A 296 15.01 18.16 17.56
CA HIS A 296 16.40 18.65 17.70
C HIS A 296 17.34 18.23 16.56
N ARG A 297 17.03 17.12 15.87
CA ARG A 297 17.83 16.57 14.79
C ARG A 297 17.43 17.06 13.39
N THR A 298 16.15 17.37 13.18
CA THR A 298 15.70 17.78 11.86
C THR A 298 16.27 19.13 11.39
N ARG A 299 16.53 19.22 10.08
CA ARG A 299 16.98 20.44 9.42
C ARG A 299 15.78 21.23 8.93
N LYS A 300 14.55 20.64 9.05
CA LYS A 300 13.28 21.25 8.65
C LYS A 300 12.69 22.07 9.81
N GLN A 301 13.45 23.07 10.29
CA GLN A 301 13.05 23.96 11.40
C GLN A 301 11.82 24.85 11.22
N LYS A 302 11.36 25.09 9.96
CA LYS A 302 10.15 25.91 9.66
C LYS A 302 8.85 25.38 10.30
N TYR A 303 8.80 24.09 10.64
CA TYR A 303 7.62 23.47 11.25
C TYR A 303 7.58 23.72 12.75
N PHE A 304 8.69 24.21 13.32
CA PHE A 304 8.79 24.39 14.76
C PHE A 304 9.12 25.82 15.22
N TYR A 305 8.62 26.15 16.38
CA TYR A 305 8.84 27.40 17.09
C TYR A 305 8.84 27.06 18.58
N LYS A 306 9.96 27.37 19.28
CA LYS A 306 10.17 27.13 20.70
C LYS A 306 10.07 25.64 21.07
N GLY A 307 10.64 24.77 20.23
CA GLY A 307 10.65 23.33 20.44
C GLY A 307 9.30 22.64 20.28
N GLY A 308 8.29 23.41 19.86
CA GLY A 308 6.94 22.93 19.61
C GLY A 308 6.50 23.17 18.18
N LEU A 309 5.58 22.31 17.70
CA LEU A 309 5.02 22.38 16.34
C LEU A 309 4.32 23.71 16.22
N VAL A 310 4.52 24.41 15.09
CA VAL A 310 3.93 25.72 14.89
C VAL A 310 2.92 25.66 13.76
N TRP A 311 1.69 26.18 14.03
CA TRP A 311 0.59 26.10 13.10
C TRP A 311 -0.50 27.11 13.41
N ASP A 312 -1.27 27.45 12.37
CA ASP A 312 -2.36 28.43 12.45
C ASP A 312 -3.64 27.67 12.72
N GLU A 313 -4.09 27.74 13.99
CA GLU A 313 -5.28 27.02 14.46
C GLU A 313 -6.55 27.58 13.83
N ASN A 314 -6.50 28.82 13.32
CA ASN A 314 -7.65 29.50 12.73
C ASN A 314 -7.75 29.35 11.21
N SER A 315 -6.72 28.78 10.54
CA SER A 315 -6.77 28.58 9.09
C SER A 315 -7.77 27.45 8.74
N SER A 316 -8.05 27.22 7.44
CA SER A 316 -8.97 26.15 7.04
C SER A 316 -8.43 24.75 7.43
N ASP A 317 -7.10 24.57 7.42
CA ASP A 317 -6.43 23.32 7.82
C ASP A 317 -6.47 23.17 9.37
N GLY A 318 -6.20 24.26 10.09
CA GLY A 318 -6.22 24.29 11.56
C GLY A 318 -7.55 23.85 12.12
N ARG A 319 -8.61 24.42 11.58
CA ARG A 319 -10.00 24.09 11.92
C ARG A 319 -10.34 22.66 11.51
N TYR A 320 -9.93 22.22 10.31
CA TYR A 320 -10.19 20.85 9.87
C TYR A 320 -9.67 19.82 10.87
N VAL A 321 -8.36 19.93 11.17
CA VAL A 321 -7.60 19.09 12.09
C VAL A 321 -8.23 19.13 13.49
N LYS A 322 -8.44 20.33 14.04
CA LYS A 322 -9.00 20.45 15.39
C LYS A 322 -10.38 19.75 15.55
N GLU A 323 -11.20 19.78 14.49
CA GLU A 323 -12.53 19.16 14.51
C GLU A 323 -12.53 17.64 14.25
N ASN A 324 -11.67 17.14 13.32
CA ASN A 324 -11.66 15.76 12.84
C ASN A 324 -10.56 14.82 13.34
N CYS A 325 -9.45 15.37 13.84
CA CYS A 325 -8.32 14.53 14.26
C CYS A 325 -8.32 14.31 15.76
N LYS A 326 -8.65 13.07 16.16
CA LYS A 326 -8.80 12.68 17.57
C LYS A 326 -7.75 11.63 17.97
N PRO A 327 -7.49 11.37 19.29
CA PRO A 327 -6.51 10.33 19.66
C PRO A 327 -6.87 9.00 19.00
N LEU A 328 -5.86 8.27 18.51
CA LEU A 328 -5.99 6.94 17.87
C LEU A 328 -7.04 6.02 18.56
N LYS A 329 -6.98 5.90 19.91
CA LYS A 329 -7.87 5.07 20.72
C LYS A 329 -9.33 5.34 20.45
N SER A 330 -9.71 6.63 20.28
CA SER A 330 -11.09 7.06 20.07
C SER A 330 -11.72 6.48 18.83
N TYR A 331 -10.90 5.94 17.89
CA TYR A 331 -11.41 5.37 16.63
C TYR A 331 -11.83 3.88 16.72
N MET A 332 -11.75 3.30 17.93
CA MET A 332 -12.13 1.92 18.21
C MET A 332 -13.63 1.74 18.04
N LEU A 333 -14.05 0.76 17.24
CA LEU A 333 -15.49 0.50 17.01
C LEU A 333 -16.16 -0.37 18.09
N GLN A 334 -15.36 -1.23 18.75
CA GLN A 334 -15.76 -2.19 19.78
C GLN A 334 -14.68 -2.21 20.86
N ASP A 335 -15.07 -2.55 22.12
CA ASP A 335 -14.22 -2.58 23.32
C ASP A 335 -13.55 -3.93 23.60
N SER A 336 -14.01 -5.02 22.94
CA SER A 336 -13.50 -6.38 23.14
C SER A 336 -11.99 -6.56 22.92
N LEU A 337 -11.43 -7.64 23.51
CA LEU A 337 -10.01 -7.96 23.48
C LEU A 337 -9.35 -7.81 22.12
N GLU A 338 -9.92 -8.44 21.07
CA GLU A 338 -9.38 -8.38 19.71
C GLU A 338 -9.27 -6.97 19.12
N HIS A 339 -10.14 -6.02 19.57
CA HIS A 339 -10.10 -4.64 19.07
C HIS A 339 -9.04 -3.87 19.79
N VAL A 340 -8.88 -4.11 21.10
CA VAL A 340 -7.85 -3.49 21.92
C VAL A 340 -6.45 -3.83 21.36
N GLN A 341 -6.22 -5.11 20.97
CA GLN A 341 -4.95 -5.61 20.43
C GLN A 341 -4.64 -5.03 19.06
N LEU A 342 -5.68 -4.80 18.22
CA LEU A 342 -5.44 -4.18 16.90
C LEU A 342 -4.89 -2.80 17.14
N PHE A 343 -5.56 -2.03 18.03
CA PHE A 343 -5.13 -0.68 18.39
C PHE A 343 -3.76 -0.63 19.04
N ASP A 344 -3.40 -1.64 19.84
CA ASP A 344 -2.08 -1.70 20.45
C ASP A 344 -1.06 -1.94 19.33
N LEU A 345 -1.31 -2.94 18.45
CA LEU A 345 -0.37 -3.18 17.36
C LEU A 345 -0.19 -1.94 16.45
N MET A 346 -1.32 -1.33 16.01
CA MET A 346 -1.34 -0.11 15.18
C MET A 346 -0.54 1.05 15.81
N ARG A 347 -0.74 1.29 17.14
CA ARG A 347 -0.03 2.32 17.90
C ARG A 347 1.46 2.05 17.84
N ARG A 348 1.88 0.78 17.97
CA ARG A 348 3.29 0.39 17.91
C ARG A 348 3.81 0.51 16.47
N MET A 349 2.93 0.37 15.47
CA MET A 349 3.32 0.57 14.07
C MET A 349 3.48 2.05 13.78
N LEU A 350 2.77 2.88 14.55
CA LEU A 350 2.80 4.32 14.34
C LEU A 350 3.64 5.07 15.36
N GLU A 351 4.70 4.42 15.87
CA GLU A 351 5.65 5.11 16.75
C GLU A 351 6.42 6.13 15.88
N PHE A 352 6.48 7.38 16.36
CA PHE A 352 7.19 8.44 15.68
C PHE A 352 8.65 8.06 15.31
N ASP A 353 9.43 7.63 16.30
CA ASP A 353 10.84 7.27 16.12
C ASP A 353 10.98 5.91 15.38
N PRO A 354 11.56 5.91 14.14
CA PRO A 354 11.71 4.64 13.39
C PRO A 354 12.45 3.55 14.18
N ALA A 355 13.41 3.97 15.02
CA ALA A 355 14.20 3.10 15.90
C ALA A 355 13.32 2.50 17.01
N GLN A 356 12.19 3.15 17.36
CA GLN A 356 11.30 2.66 18.40
C GLN A 356 10.15 1.89 17.80
N ARG A 357 9.83 2.18 16.53
CA ARG A 357 8.74 1.49 15.81
C ARG A 357 8.89 -0.04 15.91
N ILE A 358 7.77 -0.75 16.09
CA ILE A 358 7.75 -2.22 16.12
C ILE A 358 8.31 -2.69 14.77
N THR A 359 9.08 -3.78 14.77
CA THR A 359 9.59 -4.38 13.54
C THR A 359 8.50 -5.39 13.17
N LEU A 360 8.55 -5.85 11.93
CA LEU A 360 7.60 -6.84 11.46
C LEU A 360 7.85 -8.19 12.06
N ALA A 361 9.11 -8.50 12.37
CA ALA A 361 9.50 -9.73 13.07
C ALA A 361 8.77 -9.73 14.43
N GLU A 362 8.77 -8.58 15.17
CA GLU A 362 8.06 -8.46 16.46
C GLU A 362 6.53 -8.46 16.27
N ALA A 363 6.04 -7.82 15.18
CA ALA A 363 4.61 -7.72 14.84
C ALA A 363 3.97 -9.09 14.72
N LEU A 364 4.64 -10.03 14.01
CA LEU A 364 4.18 -11.42 13.82
C LEU A 364 4.00 -12.20 15.13
N LEU A 365 4.56 -11.68 16.22
CA LEU A 365 4.51 -12.25 17.58
C LEU A 365 3.43 -11.63 18.46
N HIS A 366 2.78 -10.56 17.99
CA HIS A 366 1.79 -9.81 18.75
C HIS A 366 0.58 -10.68 19.10
N PRO A 367 0.00 -10.56 20.33
CA PRO A 367 -1.20 -11.35 20.66
C PRO A 367 -2.40 -11.22 19.71
N PHE A 368 -2.50 -10.12 18.96
CA PHE A 368 -3.57 -9.88 17.99
C PHE A 368 -3.72 -11.03 16.99
N PHE A 369 -2.59 -11.68 16.63
CA PHE A 369 -2.59 -12.78 15.65
C PHE A 369 -2.98 -14.18 16.19
N ALA A 370 -3.31 -14.24 17.49
CA ALA A 370 -3.77 -15.46 18.13
C ALA A 370 -5.20 -15.79 17.64
N GLY A 371 -5.94 -14.75 17.21
CA GLY A 371 -7.30 -14.84 16.70
C GLY A 371 -7.44 -15.37 15.28
N LEU A 372 -6.30 -15.61 14.61
CA LEU A 372 -6.24 -16.15 13.24
C LEU A 372 -6.66 -17.61 13.27
N THR A 373 -7.37 -18.04 12.21
CA THR A 373 -7.77 -19.44 12.05
C THR A 373 -6.51 -20.24 11.63
N PRO A 374 -6.42 -21.56 11.91
CA PRO A 374 -5.21 -22.31 11.50
C PRO A 374 -4.89 -22.25 10.00
N GLU A 375 -5.93 -22.13 9.14
CA GLU A 375 -5.80 -22.00 7.67
C GLU A 375 -5.09 -20.66 7.33
N GLU A 376 -5.47 -19.58 8.04
CA GLU A 376 -4.91 -18.25 7.91
C GLU A 376 -3.44 -18.18 8.39
N ARG A 377 -3.16 -18.75 9.59
N ARG A 377 -3.16 -18.75 9.59
CA ARG A 377 -1.82 -18.77 10.20
CA ARG A 377 -1.84 -18.79 10.23
C ARG A 377 -0.81 -19.55 9.36
C ARG A 377 -0.81 -19.55 9.37
N SER A 378 -1.17 -20.78 8.94
CA SER A 378 -0.32 -21.67 8.15
C SER A 378 0.07 -21.19 6.73
N PHE A 379 -0.78 -20.34 6.10
CA PHE A 379 -0.69 -19.81 4.72
C PHE A 379 -1.13 -20.88 3.72
CAA V25 B . -4.63 1.08 -9.64
CAL V25 B . -3.34 1.16 -10.42
OAM V25 B . -2.89 -0.17 -10.83
CAN V25 B . -3.37 -1.37 -11.11
OAE V25 B . -4.38 -1.43 -11.72
CAS V25 B . -2.79 -2.83 -11.02
NAV V25 B . -3.43 -4.16 -11.38
CAB V25 B . -4.79 -4.45 -11.93
CAU V25 B . -2.58 -5.14 -11.18
CAQ V25 B . -2.67 -6.56 -11.37
CL1 V25 B . -4.17 -7.30 -11.91
CAP V25 B . -1.59 -7.36 -11.10
CL2 V25 B . -1.71 -9.01 -11.33
CAJ V25 B . -0.35 -6.78 -10.61
CAK V25 B . -0.21 -5.38 -10.38
CAT V25 B . -1.31 -4.53 -10.67
CAR V25 B . -1.50 -3.15 -10.59
CAO V25 B . -0.48 -2.46 -10.10
CAH V25 B . 0.85 -2.18 -10.46
NAC V25 B . 1.79 -1.82 -10.39
CAI V25 B . -0.75 -1.94 -8.88
NAD V25 B . -1.70 -1.87 -8.05
S SO4 C . 15.52 4.33 -24.72
O1 SO4 C . 16.31 4.72 -25.89
O2 SO4 C . 15.74 2.90 -24.49
O3 SO4 C . 15.93 5.08 -23.53
O4 SO4 C . 14.11 4.61 -24.99
S SO4 D . 11.59 -6.06 10.01
O1 SO4 D . 11.40 -6.62 8.69
O2 SO4 D . 11.53 -7.14 11.00
O3 SO4 D . 12.90 -5.42 10.00
O4 SO4 D . 10.48 -5.05 10.29
S SO4 E . 17.24 13.03 -4.03
O1 SO4 E . 17.36 11.99 -5.06
O2 SO4 E . 17.35 12.46 -2.69
O3 SO4 E . 18.31 14.01 -4.20
O4 SO4 E . 15.94 13.71 -4.17
S SO4 F . 18.26 15.59 22.06
O1 SO4 F . 18.27 15.34 20.60
O2 SO4 F . 19.02 14.52 22.72
O3 SO4 F . 18.91 16.90 22.30
O4 SO4 F . 16.88 15.59 22.58
S SO4 G . 6.89 19.60 -0.85
O1 SO4 G . 8.21 18.98 -1.12
O2 SO4 G . 6.10 18.71 0.04
O3 SO4 G . 7.08 20.92 -0.20
O4 SO4 G . 6.17 19.74 -2.10
CL CL H . 22.26 7.28 -0.18
CL CL I . 0.69 15.44 -2.62
#